data_4J9W
#
_entry.id   4J9W
#
_cell.length_a   56.174
_cell.length_b   74.637
_cell.length_c   87.048
_cell.angle_alpha   90.000
_cell.angle_beta   105.460
_cell.angle_gamma   90.000
#
_symmetry.space_group_name_H-M   'P 1 21 1'
#
loop_
_entity.id
_entity.type
_entity.pdbx_description
1 polymer 'Proline racemase family protein'
2 non-polymer GLYCEROL
3 non-polymer PYRROLE-2-CARBOXYLATE
4 non-polymer 'SODIUM ION'
5 water water
#
_entity_poly.entity_id   1
_entity_poly.type   'polypeptide(L)'
_entity_poly.pdbx_seq_one_letter_code
;MHHHHHHSSGVDLGTENLYFQSMKKITVIDSHTGGEPTRLVIDGFPDLGRGSMAERLQILEREHDQWRRACVLEPRGSDV
LVGALLCQPQAGDACAGVIFFNNSGYLGMCGHGTIGLVRSLYHLGRIDQGVHRIETPVGTVEATLHEDLSVSVRNVPAYR
YRTQVMLQLPGHGKVHGDIAWGGNWFFLISDHGQRIALDNVEALTHYTRDVRQALEAAGITGAEGGVIDHIELFADDPQA
DSRNFVLCPGKAYDRSPCGTGTSAKLACLAADGKLAPGQAWRQASVIGSQFSAHYEKVGEQLIPILRGSAHISAEATLLL
DDSDPFVWGIGS
;
_entity_poly.pdbx_strand_id   A,B
#
loop_
_chem_comp.id
_chem_comp.type
_chem_comp.name
_chem_comp.formula
GOL non-polymer GLYCEROL 'C3 H8 O3'
NA non-polymer 'SODIUM ION' 'Na 1'
PYC non-polymer PYRROLE-2-CARBOXYLATE 'C5 H4 N O2 -1'
#
# COMPACT_ATOMS: atom_id res chain seq x y z
N MET A 23 -2.60 -4.21 21.59
CA MET A 23 -1.99 -4.28 22.92
C MET A 23 -0.60 -3.63 22.93
N LYS A 24 0.38 -4.26 22.29
CA LYS A 24 1.67 -3.58 22.08
C LYS A 24 1.42 -2.40 21.16
N LYS A 25 2.09 -1.28 21.41
CA LYS A 25 1.86 -0.09 20.60
C LYS A 25 3.15 0.42 19.96
N ILE A 26 3.04 0.82 18.69
CA ILE A 26 4.15 1.47 18.00
C ILE A 26 3.71 2.87 17.58
N THR A 27 4.33 3.88 18.17
CA THR A 27 3.95 5.27 17.92
C THR A 27 4.75 5.82 16.75
N VAL A 28 4.07 6.34 15.72
CA VAL A 28 4.77 6.78 14.52
C VAL A 28 4.29 8.14 14.02
N ILE A 29 5.15 8.79 13.26
CA ILE A 29 4.76 9.92 12.44
C ILE A 29 4.97 9.49 11.00
N ASP A 30 3.88 9.39 10.24
CA ASP A 30 3.95 9.08 8.83
C ASP A 30 4.06 10.38 8.04
N SER A 31 4.98 10.40 7.08
CA SER A 31 5.15 11.57 6.20
C SER A 31 5.40 11.03 4.81
N HIS A 32 5.52 11.92 3.82
CA HIS A 32 6.00 11.49 2.51
C HIS A 32 6.85 12.58 1.91
N THR A 33 7.81 12.16 1.09
CA THR A 33 8.70 13.09 0.41
C THR A 33 8.49 12.93 -1.07
N GLY A 34 7.77 13.88 -1.68
CA GLY A 34 7.50 13.78 -3.10
C GLY A 34 6.68 12.54 -3.42
N GLY A 35 5.88 12.10 -2.44
CA GLY A 35 5.02 10.94 -2.64
C GLY A 35 5.56 9.64 -2.06
N GLU A 36 6.86 9.59 -1.76
CA GLU A 36 7.48 8.40 -1.18
C GLU A 36 7.32 8.46 0.34
N PRO A 37 6.66 7.45 0.94
CA PRO A 37 6.32 7.57 2.35
C PRO A 37 7.46 7.17 3.30
N THR A 38 7.49 7.81 4.47
CA THR A 38 8.38 7.44 5.56
C THR A 38 7.58 7.24 6.85
N ARG A 39 7.76 6.07 7.47
CA ARG A 39 7.12 5.79 8.76
C ARG A 39 8.17 5.95 9.85
N LEU A 40 8.13 7.09 10.54
CA LEU A 40 9.10 7.36 11.59
C LEU A 40 8.63 6.80 12.93
N VAL A 41 9.31 5.77 13.41
CA VAL A 41 8.94 5.16 14.69
C VAL A 41 9.58 5.96 15.80
N ILE A 42 8.77 6.57 16.66
CA ILE A 42 9.31 7.38 17.76
C ILE A 42 9.18 6.72 19.12
N ASP A 43 8.47 5.59 19.18
CA ASP A 43 8.38 4.82 20.42
C ASP A 43 7.80 3.43 20.14
N GLY A 44 8.21 2.45 20.93
CA GLY A 44 7.58 1.14 20.86
C GLY A 44 8.44 -0.04 20.42
N PHE A 45 9.54 0.24 19.73
CA PHE A 45 10.43 -0.83 19.29
C PHE A 45 11.28 -1.30 20.46
N PRO A 46 11.86 -2.52 20.37
CA PRO A 46 12.74 -3.00 21.42
C PRO A 46 14.00 -2.15 21.56
N ASP A 47 14.63 -2.20 22.73
CA ASP A 47 15.86 -1.46 22.94
C ASP A 47 17.01 -2.14 22.20
N LEU A 48 17.83 -1.35 21.53
CA LEU A 48 18.91 -1.90 20.70
C LEU A 48 20.31 -1.61 21.27
N GLY A 49 20.36 -1.06 22.49
CA GLY A 49 21.64 -0.77 23.11
C GLY A 49 22.16 0.64 22.82
N ARG A 50 23.43 0.87 23.15
CA ARG A 50 24.05 2.20 23.01
C ARG A 50 25.16 2.23 21.97
N GLY A 51 25.22 1.22 21.10
CA GLY A 51 26.27 1.16 20.09
C GLY A 51 26.05 2.13 18.95
N SER A 52 26.85 2.01 17.90
CA SER A 52 26.69 2.85 16.72
C SER A 52 25.39 2.48 16.03
N MET A 53 24.93 3.31 15.09
CA MET A 53 23.71 2.98 14.36
C MET A 53 23.88 1.67 13.60
N ALA A 54 25.09 1.43 13.07
CA ALA A 54 25.37 0.19 12.35
C ALA A 54 25.29 -1.01 13.28
N GLU A 55 25.79 -0.86 14.51
CA GLU A 55 25.70 -1.95 15.50
C GLU A 55 24.26 -2.21 15.92
N ARG A 56 23.46 -1.16 15.99
CA ARG A 56 22.05 -1.31 16.39
C ARG A 56 21.25 -1.97 15.27
N LEU A 57 21.61 -1.67 14.02
CA LEU A 57 20.97 -2.31 12.87
C LEU A 57 21.17 -3.82 12.95
N GLN A 58 22.41 -4.23 13.23
CA GLN A 58 22.76 -5.63 13.35
C GLN A 58 21.87 -6.34 14.38
N ILE A 59 21.70 -5.69 15.53
CA ILE A 59 20.85 -6.21 16.59
C ILE A 59 19.37 -6.22 16.19
N LEU A 60 18.90 -5.13 15.57
CA LEU A 60 17.50 -5.07 15.13
C LEU A 60 17.14 -6.20 14.17
N GLU A 61 18.00 -6.43 13.17
CA GLU A 61 17.77 -7.46 12.17
C GLU A 61 17.86 -8.86 12.76
N ARG A 62 18.86 -9.09 13.59
CA ARG A 62 19.10 -10.44 14.14
C ARG A 62 18.03 -10.85 15.14
N GLU A 63 17.68 -9.94 16.05
CA GLU A 63 16.86 -10.32 17.19
C GLU A 63 15.42 -9.86 17.11
N HIS A 64 15.16 -8.86 16.28
CA HIS A 64 13.86 -8.19 16.28
C HIS A 64 13.32 -7.93 14.89
N ASP A 65 13.69 -8.74 13.91
CA ASP A 65 13.23 -8.48 12.53
C ASP A 65 11.71 -8.56 12.40
N GLN A 66 11.04 -9.31 13.27
CA GLN A 66 9.58 -9.35 13.28
C GLN A 66 8.98 -7.95 13.45
N TRP A 67 9.67 -7.10 14.19
CA TRP A 67 9.20 -5.73 14.41
C TRP A 67 9.23 -4.87 13.14
N ARG A 68 10.29 -5.01 12.34
CA ARG A 68 10.32 -4.37 11.02
C ARG A 68 9.10 -4.82 10.22
N ARG A 69 8.87 -6.13 10.21
CA ARG A 69 7.75 -6.68 9.44
C ARG A 69 6.38 -6.17 9.93
N ALA A 70 6.20 -6.11 11.25
CA ALA A 70 4.97 -5.56 11.83
C ALA A 70 4.74 -4.10 11.42
N CYS A 71 5.83 -3.34 11.35
CA CYS A 71 5.79 -1.91 11.12
C CYS A 71 5.51 -1.55 9.68
N VAL A 72 6.11 -2.28 8.73
CA VAL A 72 6.03 -1.85 7.33
C VAL A 72 5.35 -2.81 6.34
N LEU A 73 5.20 -4.09 6.69
CA LEU A 73 4.44 -4.98 5.81
C LEU A 73 2.92 -4.81 5.97
N GLU A 74 2.17 -5.25 4.97
CA GLU A 74 0.73 -5.47 5.15
C GLU A 74 0.53 -6.34 6.38
N PRO A 75 -0.58 -6.15 7.12
CA PRO A 75 -1.66 -5.19 6.81
C PRO A 75 -1.50 -3.79 7.42
N ARG A 76 -0.60 -3.63 8.39
CA ARG A 76 -0.48 -2.33 9.06
C ARG A 76 0.42 -1.37 8.29
N GLY A 77 1.20 -1.90 7.36
CA GLY A 77 1.98 -1.07 6.44
C GLY A 77 1.61 -1.34 5.00
N SER A 78 2.58 -1.20 4.10
N SER A 78 2.59 -1.19 4.11
CA SER A 78 2.38 -1.48 2.68
CA SER A 78 2.42 -1.40 2.67
C SER A 78 3.74 -1.75 2.05
C SER A 78 3.76 -1.74 2.05
N ASP A 79 3.75 -2.48 0.94
CA ASP A 79 4.99 -2.81 0.24
C ASP A 79 5.83 -1.59 -0.17
N VAL A 80 5.14 -0.46 -0.36
CA VAL A 80 5.78 0.80 -0.77
C VAL A 80 6.56 1.47 0.37
N LEU A 81 6.17 1.18 1.60
CA LEU A 81 6.57 1.95 2.78
C LEU A 81 8.05 1.77 3.17
N VAL A 82 8.71 2.90 3.46
CA VAL A 82 10.02 2.82 4.09
C VAL A 82 9.90 3.26 5.55
N GLY A 83 10.45 2.46 6.46
CA GLY A 83 10.43 2.79 7.87
C GLY A 83 11.74 3.40 8.35
N ALA A 84 11.65 4.19 9.41
CA ALA A 84 12.80 4.88 9.96
C ALA A 84 12.65 4.81 11.46
N LEU A 85 13.53 4.04 12.12
CA LEU A 85 13.51 3.95 13.56
C LEU A 85 14.33 5.09 14.15
N LEU A 86 13.68 5.94 14.94
CA LEU A 86 14.39 7.05 15.58
C LEU A 86 15.21 6.51 16.75
N CYS A 87 16.50 6.86 16.79
CA CYS A 87 17.38 6.40 17.86
C CYS A 87 18.05 7.57 18.54
N GLN A 88 18.42 7.38 19.81
CA GLN A 88 19.28 8.36 20.47
C GLN A 88 20.69 8.18 19.91
N PRO A 89 21.30 9.29 19.46
CA PRO A 89 22.62 9.14 18.83
C PRO A 89 23.71 8.97 19.88
N GLN A 90 24.87 8.50 19.43
CA GLN A 90 26.03 8.41 20.32
C GLN A 90 26.66 9.79 20.56
N ALA A 91 26.86 10.54 19.48
CA ALA A 91 27.53 11.83 19.57
C ALA A 91 26.67 12.91 20.19
N GLY A 92 27.25 13.68 21.10
CA GLY A 92 26.52 14.71 21.82
C GLY A 92 26.03 15.86 20.97
N ASP A 93 26.63 16.06 19.80
CA ASP A 93 26.23 17.16 18.90
C ASP A 93 25.30 16.71 17.78
N ALA A 94 24.88 15.45 17.83
CA ALA A 94 23.90 14.92 16.89
C ALA A 94 22.50 15.10 17.48
N CYS A 95 21.53 15.41 16.64
CA CYS A 95 20.16 15.58 17.12
C CYS A 95 19.41 14.25 17.11
N ALA A 96 19.86 13.31 16.29
CA ALA A 96 19.18 12.02 16.19
C ALA A 96 20.04 10.95 15.52
N GLY A 97 19.68 9.69 15.77
CA GLY A 97 20.17 8.58 14.98
C GLY A 97 18.98 7.94 14.29
N VAL A 98 19.24 7.23 13.20
CA VAL A 98 18.18 6.58 12.45
C VAL A 98 18.65 5.27 11.82
N ILE A 99 17.73 4.31 11.76
CA ILE A 99 17.92 3.08 10.98
C ILE A 99 16.75 2.97 10.00
N PHE A 100 17.06 2.77 8.72
CA PHE A 100 16.03 2.71 7.67
C PHE A 100 15.79 1.29 7.19
N PHE A 101 14.53 0.97 6.93
CA PHE A 101 14.18 -0.36 6.45
C PHE A 101 13.01 -0.32 5.49
N ASN A 102 12.83 -1.41 4.75
CA ASN A 102 11.75 -1.50 3.78
C ASN A 102 11.13 -2.90 3.82
N ASN A 103 10.30 -3.22 2.84
CA ASN A 103 9.59 -4.50 2.87
C ASN A 103 10.52 -5.71 2.79
N SER A 104 11.74 -5.50 2.28
CA SER A 104 12.65 -6.64 2.10
C SER A 104 13.75 -6.76 3.16
N GLY A 105 14.15 -5.64 3.74
CA GLY A 105 15.25 -5.66 4.68
C GLY A 105 15.67 -4.26 5.10
N TYR A 106 16.98 -4.03 5.13
CA TYR A 106 17.51 -2.79 5.68
C TYR A 106 18.23 -1.97 4.63
N LEU A 107 18.05 -0.65 4.70
CA LEU A 107 18.78 0.27 3.84
C LEU A 107 20.06 0.73 4.51
N GLY A 108 20.86 1.47 3.77
CA GLY A 108 22.04 2.16 4.30
C GLY A 108 21.62 3.58 4.70
N MET A 109 21.88 4.53 3.83
CA MET A 109 21.28 5.85 4.00
C MET A 109 19.95 5.86 3.25
N CYS A 110 19.18 6.92 3.44
CA CYS A 110 17.92 7.09 2.74
C CYS A 110 17.66 8.58 2.69
N GLY A 111 17.74 9.14 1.48
CA GLY A 111 17.60 10.57 1.28
C GLY A 111 16.19 11.07 1.55
N HIS A 112 15.20 10.42 0.94
CA HIS A 112 13.82 10.88 1.12
C HIS A 112 13.43 10.70 2.58
N GLY A 113 13.92 9.61 3.19
CA GLY A 113 13.61 9.28 4.58
C GLY A 113 14.21 10.24 5.58
N THR A 114 15.38 10.77 5.26
CA THR A 114 16.02 11.77 6.10
C THR A 114 15.26 13.09 6.05
N ILE A 115 14.81 13.46 4.86
CA ILE A 115 14.00 14.67 4.70
C ILE A 115 12.71 14.50 5.52
N GLY A 116 12.11 13.31 5.45
CA GLY A 116 10.93 13.03 6.24
C GLY A 116 11.20 13.05 7.73
N LEU A 117 12.29 12.43 8.16
CA LEU A 117 12.66 12.46 9.57
C LEU A 117 12.81 13.88 10.12
N VAL A 118 13.55 14.72 9.42
CA VAL A 118 13.76 16.08 9.88
C VAL A 118 12.44 16.86 9.94
N ARG A 119 11.60 16.72 8.92
CA ARG A 119 10.33 17.43 8.89
C ARG A 119 9.42 16.93 10.02
N SER A 120 9.55 15.65 10.36
CA SER A 120 8.73 15.05 11.42
C SER A 120 9.18 15.51 12.81
N LEU A 121 10.49 15.64 13.01
CA LEU A 121 11.01 16.14 14.28
C LEU A 121 10.56 17.58 14.52
N TYR A 122 10.49 18.36 13.45
CA TYR A 122 10.00 19.73 13.53
C TYR A 122 8.51 19.73 13.89
N HIS A 123 7.75 18.83 13.25
CA HIS A 123 6.33 18.68 13.55
C HIS A 123 6.12 18.38 15.03
N LEU A 124 6.99 17.54 15.58
CA LEU A 124 6.94 17.14 16.99
C LEU A 124 7.48 18.21 17.92
N GLY A 125 8.05 19.28 17.35
CA GLY A 125 8.59 20.38 18.14
C GLY A 125 9.90 20.06 18.83
N ARG A 126 10.61 19.06 18.32
CA ARG A 126 11.86 18.62 18.94
C ARG A 126 13.08 19.33 18.38
N ILE A 127 12.93 19.91 17.18
CA ILE A 127 13.97 20.75 16.60
C ILE A 127 13.34 21.98 15.97
N ASP A 128 14.16 22.99 15.71
CA ASP A 128 13.71 24.13 14.94
C ASP A 128 14.54 24.22 13.66
N GLN A 129 14.27 25.25 12.86
CA GLN A 129 15.02 25.49 11.64
C GLN A 129 16.51 25.61 11.94
N GLY A 130 17.34 25.12 11.03
CA GLY A 130 18.77 25.20 11.21
C GLY A 130 19.48 23.92 10.79
N VAL A 131 20.69 23.74 11.27
CA VAL A 131 21.54 22.64 10.84
C VAL A 131 21.60 21.53 11.89
N HIS A 132 21.38 20.29 11.45
CA HIS A 132 21.29 19.13 12.34
C HIS A 132 22.10 17.95 11.82
N ARG A 133 22.78 17.28 12.74
CA ARG A 133 23.55 16.10 12.37
C ARG A 133 22.77 14.86 12.73
N ILE A 134 22.68 13.92 11.79
CA ILE A 134 21.91 12.70 11.98
C ILE A 134 22.82 11.51 11.73
N GLU A 135 22.91 10.62 12.72
CA GLU A 135 23.72 9.42 12.61
C GLU A 135 22.96 8.34 11.86
N THR A 136 23.65 7.66 10.94
CA THR A 136 23.06 6.55 10.19
C THR A 136 24.02 5.37 10.18
N PRO A 137 23.55 4.19 9.75
CA PRO A 137 24.44 3.02 9.68
C PRO A 137 25.60 3.15 8.68
N VAL A 138 25.58 4.16 7.81
CA VAL A 138 26.69 4.34 6.88
C VAL A 138 27.40 5.66 7.11
N GLY A 139 27.13 6.29 8.26
CA GLY A 139 27.85 7.49 8.63
C GLY A 139 26.92 8.64 8.94
N THR A 140 27.47 9.73 9.44
CA THR A 140 26.67 10.87 9.86
C THR A 140 26.42 11.82 8.69
N VAL A 141 25.15 12.19 8.51
CA VAL A 141 24.78 13.18 7.49
C VAL A 141 24.39 14.49 8.17
N GLU A 142 24.38 15.57 7.39
CA GLU A 142 24.01 16.86 7.93
C GLU A 142 22.78 17.39 7.19
N ALA A 143 21.68 17.62 7.92
CA ALA A 143 20.48 18.16 7.30
C ALA A 143 20.25 19.59 7.75
N THR A 144 19.87 20.45 6.81
CA THR A 144 19.47 21.81 7.12
C THR A 144 17.97 21.96 6.89
N LEU A 145 17.23 22.31 7.93
CA LEU A 145 15.81 22.62 7.78
C LEU A 145 15.68 24.11 7.47
N HIS A 146 15.23 24.42 6.25
CA HIS A 146 15.15 25.81 5.77
C HIS A 146 13.89 26.52 6.23
N GLU A 147 13.84 27.84 5.98
CA GLU A 147 12.67 28.63 6.38
C GLU A 147 11.39 28.16 5.70
N ASP A 148 11.51 27.70 4.45
CA ASP A 148 10.34 27.18 3.74
C ASP A 148 9.99 25.74 4.11
N LEU A 149 10.71 25.22 5.13
CA LEU A 149 10.55 23.85 5.66
C LEU A 149 11.02 22.72 4.73
N SER A 150 11.62 23.09 3.61
CA SER A 150 12.34 22.10 2.81
C SER A 150 13.60 21.73 3.57
N VAL A 151 14.26 20.65 3.16
CA VAL A 151 15.42 20.13 3.86
C VAL A 151 16.53 19.81 2.86
N SER A 152 17.72 20.33 3.14
CA SER A 152 18.91 19.94 2.39
C SER A 152 19.66 18.90 3.16
N VAL A 153 20.00 17.80 2.49
CA VAL A 153 20.76 16.76 3.14
C VAL A 153 22.14 16.65 2.52
N ARG A 154 23.16 16.90 3.35
CA ARG A 154 24.54 16.70 2.94
C ARG A 154 24.85 15.24 3.26
N ASN A 155 24.85 14.43 2.22
CA ASN A 155 24.89 12.98 2.33
C ASN A 155 26.33 12.49 2.53
N VAL A 156 26.49 11.20 2.81
CA VAL A 156 27.80 10.56 2.86
C VAL A 156 28.44 10.61 1.47
N PRO A 157 29.77 10.43 1.39
CA PRO A 157 30.42 10.51 0.08
C PRO A 157 29.89 9.50 -0.92
N ALA A 158 29.88 9.89 -2.20
CA ALA A 158 29.39 9.06 -3.28
C ALA A 158 30.46 8.87 -4.33
N TYR A 159 30.41 7.76 -5.06
CA TYR A 159 31.44 7.50 -6.07
C TYR A 159 30.99 6.45 -7.08
N ARG A 160 31.57 6.51 -8.27
CA ARG A 160 31.32 5.48 -9.27
C ARG A 160 32.39 4.41 -9.17
N TYR A 161 31.94 3.15 -9.14
CA TYR A 161 32.80 1.99 -8.97
C TYR A 161 33.22 1.39 -10.30
N ARG A 162 32.25 1.23 -11.20
CA ARG A 162 32.52 0.75 -12.55
C ARG A 162 31.65 1.52 -13.54
N THR A 163 32.14 1.68 -14.76
CA THR A 163 31.36 2.41 -15.75
C THR A 163 31.07 1.63 -17.01
N GLN A 164 29.88 1.86 -17.56
CA GLN A 164 29.38 1.19 -18.74
C GLN A 164 29.61 -0.32 -18.73
N VAL A 165 29.14 -0.95 -17.66
CA VAL A 165 29.10 -2.39 -17.53
C VAL A 165 28.05 -2.93 -18.48
N MET A 166 28.45 -3.88 -19.32
CA MET A 166 27.56 -4.43 -20.34
C MET A 166 26.65 -5.50 -19.75
N LEU A 167 25.39 -5.50 -20.18
CA LEU A 167 24.41 -6.44 -19.67
C LEU A 167 23.48 -6.91 -20.78
N GLN A 168 23.43 -8.23 -20.98
CA GLN A 168 22.48 -8.81 -21.92
C GLN A 168 21.12 -8.99 -21.26
N LEU A 169 20.08 -8.44 -21.87
CA LEU A 169 18.72 -8.62 -21.36
C LEU A 169 17.93 -9.47 -22.34
N PRO A 170 17.65 -10.73 -21.97
CA PRO A 170 16.78 -11.58 -22.78
C PRO A 170 15.47 -10.89 -23.13
N GLY A 171 15.18 -10.74 -24.42
CA GLY A 171 13.99 -10.02 -24.86
C GLY A 171 14.28 -8.56 -25.17
N HIS A 172 15.35 -8.05 -24.58
CA HIS A 172 15.86 -6.72 -24.91
C HIS A 172 17.28 -6.88 -25.44
N GLY A 173 18.27 -6.65 -24.59
CA GLY A 173 19.66 -6.83 -24.99
C GLY A 173 20.13 -5.86 -26.06
N LYS A 174 21.23 -5.19 -25.78
CA LYS A 174 21.89 -5.30 -24.49
C LYS A 174 21.92 -3.91 -23.90
N VAL A 175 22.26 -3.79 -22.63
CA VAL A 175 22.32 -2.47 -22.01
C VAL A 175 23.65 -2.22 -21.34
N HIS A 176 23.90 -0.93 -21.08
CA HIS A 176 25.10 -0.52 -20.40
C HIS A 176 24.70 0.28 -19.17
N GLY A 177 25.42 0.08 -18.07
CA GLY A 177 25.11 0.77 -16.83
C GLY A 177 26.32 1.11 -15.99
N ASP A 178 26.17 2.08 -15.10
CA ASP A 178 27.22 2.39 -14.14
C ASP A 178 26.87 1.75 -12.81
N ILE A 179 27.91 1.36 -12.07
CA ILE A 179 27.72 0.86 -10.72
C ILE A 179 28.24 1.94 -9.79
N ALA A 180 27.39 2.43 -8.89
CA ALA A 180 27.76 3.57 -8.06
C ALA A 180 27.15 3.54 -6.66
N TRP A 181 27.88 4.11 -5.71
CA TRP A 181 27.45 4.18 -4.33
C TRP A 181 27.00 5.58 -3.98
N GLY A 182 25.78 5.67 -3.47
CA GLY A 182 25.25 6.95 -3.02
C GLY A 182 24.66 6.85 -1.64
N GLY A 183 25.12 5.86 -0.86
CA GLY A 183 24.50 5.55 0.40
C GLY A 183 23.75 4.22 0.35
N ASN A 184 23.50 3.73 -0.87
CA ASN A 184 23.14 2.35 -1.15
C ASN A 184 23.80 2.05 -2.49
N TRP A 185 23.79 0.78 -2.91
CA TRP A 185 24.35 0.42 -4.22
C TRP A 185 23.34 0.47 -5.36
N PHE A 186 23.68 1.20 -6.42
CA PHE A 186 22.80 1.36 -7.57
C PHE A 186 23.43 0.90 -8.87
N PHE A 187 22.60 0.38 -9.75
CA PHE A 187 22.95 0.23 -11.16
C PHE A 187 22.18 1.31 -11.91
N LEU A 188 22.90 2.13 -12.67
CA LEU A 188 22.30 3.29 -13.35
C LEU A 188 22.34 3.11 -14.86
N ILE A 189 21.16 3.17 -15.50
CA ILE A 189 21.06 2.97 -16.95
C ILE A 189 20.37 4.12 -17.68
N SER A 190 20.94 4.53 -18.82
CA SER A 190 20.33 5.54 -19.69
C SER A 190 19.85 4.99 -21.04
N ASP A 191 20.44 3.90 -21.51
CA ASP A 191 20.12 3.37 -22.85
C ASP A 191 19.15 2.18 -22.80
N HIS A 192 18.08 2.35 -22.03
CA HIS A 192 17.15 1.27 -21.76
C HIS A 192 16.00 1.20 -22.77
N GLY A 193 15.64 2.35 -23.35
CA GLY A 193 14.58 2.39 -24.34
C GLY A 193 13.18 2.26 -23.76
N GLN A 194 13.07 2.50 -22.46
CA GLN A 194 11.77 2.41 -21.78
C GLN A 194 11.19 3.79 -21.56
N ARG A 195 9.86 3.88 -21.56
CA ARG A 195 9.18 5.12 -21.31
C ARG A 195 9.00 5.30 -19.81
N ILE A 196 9.49 6.41 -19.28
CA ILE A 196 9.43 6.66 -17.84
C ILE A 196 8.27 7.59 -17.50
N ALA A 197 7.19 6.99 -17.00
CA ALA A 197 6.01 7.71 -16.57
C ALA A 197 5.18 6.82 -15.66
N LEU A 198 4.38 7.45 -14.78
CA LEU A 198 3.58 6.70 -13.81
C LEU A 198 2.68 5.65 -14.46
N ASP A 199 2.16 5.93 -15.65
CA ASP A 199 1.25 4.98 -16.29
C ASP A 199 1.96 3.76 -16.86
N ASN A 200 3.29 3.74 -16.72
CA ASN A 200 4.08 2.63 -17.25
C ASN A 200 4.89 1.88 -16.17
N VAL A 201 4.56 2.09 -14.89
CA VAL A 201 5.34 1.48 -13.81
C VAL A 201 5.33 -0.04 -13.83
N GLU A 202 4.30 -0.65 -14.39
CA GLU A 202 4.26 -2.11 -14.47
C GLU A 202 5.39 -2.66 -15.34
N ALA A 203 5.51 -2.13 -16.55
CA ALA A 203 6.58 -2.54 -17.47
C ALA A 203 7.96 -2.13 -16.94
N LEU A 204 8.03 -0.99 -16.26
CA LEU A 204 9.31 -0.52 -15.73
C LEU A 204 9.78 -1.41 -14.58
N THR A 205 8.82 -1.91 -13.81
CA THR A 205 9.12 -2.83 -12.72
C THR A 205 9.68 -4.15 -13.27
N HIS A 206 9.01 -4.71 -14.28
CA HIS A 206 9.51 -5.92 -14.91
C HIS A 206 10.90 -5.76 -15.49
N TYR A 207 11.12 -4.62 -16.16
CA TYR A 207 12.38 -4.35 -16.83
C TYR A 207 13.53 -4.30 -15.83
N THR A 208 13.35 -3.55 -14.75
CA THR A 208 14.38 -3.43 -13.74
C THR A 208 14.57 -4.74 -12.95
N ARG A 209 13.49 -5.50 -12.78
CA ARG A 209 13.62 -6.81 -12.16
C ARG A 209 14.54 -7.70 -12.98
N ASP A 210 14.33 -7.70 -14.30
CA ASP A 210 15.18 -8.47 -15.20
C ASP A 210 16.63 -7.99 -15.16
N VAL A 211 16.83 -6.67 -15.10
CA VAL A 211 18.17 -6.10 -15.03
C VAL A 211 18.88 -6.64 -13.79
N ARG A 212 18.18 -6.65 -12.67
CA ARG A 212 18.76 -7.14 -11.44
C ARG A 212 19.03 -8.65 -11.52
N GLN A 213 18.08 -9.37 -12.11
CA GLN A 213 18.22 -10.79 -12.42
C GLN A 213 19.52 -11.04 -13.19
N ALA A 214 19.73 -10.24 -14.22
CA ALA A 214 20.90 -10.33 -15.08
C ALA A 214 22.19 -10.01 -14.33
N LEU A 215 22.15 -9.00 -13.46
CA LEU A 215 23.32 -8.68 -12.63
C LEU A 215 23.71 -9.87 -11.77
N GLU A 216 22.74 -10.46 -11.08
CA GLU A 216 23.01 -11.60 -10.21
C GLU A 216 23.55 -12.79 -11.01
N ALA A 217 22.97 -13.03 -12.18
CA ALA A 217 23.42 -14.09 -13.07
C ALA A 217 24.91 -14.00 -13.37
N ALA A 218 25.35 -12.80 -13.75
CA ALA A 218 26.74 -12.56 -14.15
C ALA A 218 27.70 -12.34 -12.99
N GLY A 219 27.19 -12.35 -11.76
CA GLY A 219 28.01 -12.15 -10.58
C GLY A 219 28.55 -10.74 -10.42
N ILE A 220 27.78 -9.77 -10.90
CA ILE A 220 28.19 -8.38 -10.86
C ILE A 220 27.76 -7.70 -9.56
N THR A 221 28.74 -7.11 -8.86
CA THR A 221 28.50 -6.46 -7.57
C THR A 221 29.13 -5.08 -7.51
N GLY A 222 28.96 -4.40 -6.37
CA GLY A 222 29.69 -3.19 -6.07
C GLY A 222 31.03 -3.53 -5.42
N ALA A 223 31.63 -2.57 -4.72
CA ALA A 223 32.90 -2.80 -4.03
C ALA A 223 32.76 -3.87 -2.96
N GLU A 224 33.79 -4.71 -2.83
CA GLU A 224 33.82 -5.79 -1.85
C GLU A 224 32.54 -6.62 -1.83
N GLY A 225 32.10 -7.06 -3.00
CA GLY A 225 30.96 -7.94 -3.10
C GLY A 225 29.62 -7.31 -2.76
N GLY A 226 29.55 -5.97 -2.83
CA GLY A 226 28.34 -5.25 -2.51
C GLY A 226 27.18 -5.60 -3.42
N VAL A 227 26.11 -6.15 -2.84
CA VAL A 227 24.92 -6.49 -3.62
C VAL A 227 24.28 -5.22 -4.17
N ILE A 228 24.15 -5.17 -5.49
CA ILE A 228 23.51 -4.04 -6.13
C ILE A 228 22.02 -4.27 -6.06
N ASP A 229 21.36 -3.63 -5.09
CA ASP A 229 19.94 -3.95 -4.86
C ASP A 229 18.97 -2.83 -5.26
N HIS A 230 19.50 -1.71 -5.73
CA HIS A 230 18.64 -0.68 -6.31
C HIS A 230 18.98 -0.52 -7.80
N ILE A 231 17.96 -0.39 -8.64
CA ILE A 231 18.16 -0.22 -10.08
C ILE A 231 17.52 1.07 -10.53
N GLU A 232 18.27 1.94 -11.21
CA GLU A 232 17.63 3.15 -11.71
C GLU A 232 17.84 3.43 -13.20
N LEU A 233 16.75 3.79 -13.86
CA LEU A 233 16.73 4.16 -15.27
C LEU A 233 16.56 5.67 -15.36
N PHE A 234 17.27 6.31 -16.28
CA PHE A 234 17.17 7.76 -16.44
C PHE A 234 16.65 8.13 -17.83
N ALA A 235 15.95 9.26 -17.91
CA ALA A 235 15.45 9.76 -19.19
C ALA A 235 15.39 11.28 -19.18
N ASP A 236 15.30 11.89 -20.36
CA ASP A 236 15.12 13.33 -20.46
C ASP A 236 13.77 13.73 -19.88
N ASP A 237 13.64 15.00 -19.51
CA ASP A 237 12.38 15.53 -18.99
C ASP A 237 12.22 16.97 -19.47
N PRO A 238 11.01 17.35 -19.87
CA PRO A 238 10.83 18.73 -20.37
C PRO A 238 10.99 19.81 -19.29
N GLN A 239 10.89 19.45 -18.01
CA GLN A 239 10.96 20.45 -16.94
C GLN A 239 11.98 20.11 -15.84
N ALA A 240 12.86 19.17 -16.12
CA ALA A 240 13.94 18.86 -15.20
C ALA A 240 15.15 18.46 -16.01
N ASP A 241 16.30 18.23 -15.37
CA ASP A 241 17.44 17.76 -16.13
C ASP A 241 17.23 16.30 -16.54
N SER A 242 16.44 15.57 -15.76
CA SER A 242 16.26 14.15 -15.94
C SER A 242 15.02 13.69 -15.18
N ARG A 243 14.44 12.58 -15.64
CA ARG A 243 13.38 11.88 -14.91
C ARG A 243 13.90 10.47 -14.66
N ASN A 244 13.64 9.88 -13.49
CA ASN A 244 14.07 8.51 -13.24
C ASN A 244 12.99 7.54 -12.80
N PHE A 245 13.31 6.25 -12.89
CA PHE A 245 12.50 5.21 -12.28
C PHE A 245 13.46 4.39 -11.45
N VAL A 246 13.11 4.15 -10.19
CA VAL A 246 14.03 3.51 -9.27
C VAL A 246 13.36 2.30 -8.66
N LEU A 247 13.93 1.12 -8.92
CA LEU A 247 13.44 -0.09 -8.28
C LEU A 247 14.20 -0.33 -6.97
N CYS A 248 13.45 -0.38 -5.85
CA CYS A 248 14.05 -0.56 -4.53
C CYS A 248 14.31 -2.05 -4.27
N PRO A 249 15.09 -2.38 -3.21
CA PRO A 249 15.42 -3.79 -2.97
C PRO A 249 14.23 -4.76 -2.90
N GLY A 250 13.10 -4.29 -2.41
CA GLY A 250 11.95 -5.16 -2.26
C GLY A 250 10.97 -5.12 -3.42
N LYS A 251 11.45 -4.66 -4.59
CA LYS A 251 10.66 -4.61 -5.83
C LYS A 251 9.52 -3.56 -5.88
N ALA A 252 9.43 -2.72 -4.86
CA ALA A 252 8.59 -1.52 -4.92
C ALA A 252 9.40 -0.42 -5.60
N TYR A 253 8.72 0.50 -6.28
CA TYR A 253 9.44 1.66 -6.82
C TYR A 253 9.44 2.86 -5.86
N ASP A 254 10.44 3.72 -6.01
CA ASP A 254 10.51 4.93 -5.21
C ASP A 254 9.62 5.96 -5.88
N ARG A 255 8.70 6.54 -5.11
CA ARG A 255 7.86 7.59 -5.64
C ARG A 255 8.63 8.91 -5.76
N SER A 256 9.70 9.05 -4.98
CA SER A 256 10.54 10.25 -5.00
C SER A 256 11.66 10.08 -6.01
N PRO A 257 12.45 11.15 -6.27
CA PRO A 257 13.60 11.01 -7.17
C PRO A 257 14.72 10.16 -6.56
N CYS A 258 14.59 9.78 -5.28
CA CYS A 258 15.52 8.90 -4.57
C CYS A 258 16.81 9.62 -4.21
N GLY A 259 16.95 9.97 -2.93
CA GLY A 259 18.07 10.78 -2.50
C GLY A 259 19.42 10.09 -2.71
N THR A 260 19.51 8.84 -2.32
CA THR A 260 20.76 8.11 -2.49
C THR A 260 20.99 7.76 -3.96
N GLY A 261 19.89 7.51 -4.67
CA GLY A 261 19.96 7.27 -6.10
C GLY A 261 20.45 8.45 -6.91
N THR A 262 19.95 9.63 -6.55
CA THR A 262 20.37 10.86 -7.21
C THR A 262 21.81 11.19 -6.82
N SER A 263 22.19 10.82 -5.59
CA SER A 263 23.57 10.99 -5.14
C SER A 263 24.53 10.21 -6.04
N ALA A 264 24.17 8.96 -6.31
CA ALA A 264 24.95 8.10 -7.20
C ALA A 264 25.05 8.73 -8.59
N LYS A 265 23.94 9.28 -9.06
CA LYS A 265 23.88 9.95 -10.36
C LYS A 265 24.86 11.13 -10.44
N LEU A 266 24.91 11.94 -9.39
CA LEU A 266 25.86 13.06 -9.33
C LEU A 266 27.29 12.55 -9.50
N ALA A 267 27.59 11.42 -8.86
CA ALA A 267 28.97 10.91 -8.93
C ALA A 267 29.30 10.49 -10.36
N CYS A 268 28.34 9.85 -11.02
CA CYS A 268 28.51 9.43 -12.42
C CYS A 268 28.65 10.63 -13.37
N LEU A 269 27.76 11.61 -13.25
CA LEU A 269 27.85 12.84 -14.04
C LEU A 269 29.20 13.54 -13.87
N ALA A 270 29.64 13.65 -12.62
CA ALA A 270 30.92 14.30 -12.35
C ALA A 270 32.07 13.59 -13.05
N ALA A 271 32.13 12.28 -12.89
CA ALA A 271 33.20 11.49 -13.47
C ALA A 271 33.20 11.52 -15.00
N ASP A 272 32.02 11.70 -15.58
CA ASP A 272 31.91 11.80 -17.03
C ASP A 272 32.19 13.22 -17.55
N GLY A 273 32.47 14.14 -16.63
CA GLY A 273 32.75 15.53 -16.99
C GLY A 273 31.52 16.34 -17.33
N LYS A 274 30.38 15.98 -16.75
CA LYS A 274 29.10 16.57 -17.12
C LYS A 274 28.44 17.43 -16.05
N LEU A 275 29.04 17.48 -14.87
CA LEU A 275 28.55 18.34 -13.80
C LEU A 275 29.72 18.68 -12.87
N ALA A 276 29.91 19.97 -12.62
CA ALA A 276 31.01 20.46 -11.81
C ALA A 276 30.49 20.77 -10.41
N PRO A 277 31.41 20.89 -9.43
CA PRO A 277 30.97 21.21 -8.06
C PRO A 277 30.12 22.48 -8.00
N GLY A 278 29.07 22.43 -7.18
CA GLY A 278 28.21 23.58 -6.97
C GLY A 278 27.09 23.76 -7.98
N GLN A 279 27.18 23.04 -9.11
CA GLN A 279 26.18 23.20 -10.17
C GLN A 279 24.90 22.43 -9.89
N ALA A 280 23.77 23.09 -10.10
CA ALA A 280 22.48 22.49 -9.77
C ALA A 280 22.07 21.40 -10.77
N TRP A 281 21.50 20.33 -10.24
CA TRP A 281 20.93 19.24 -11.04
C TRP A 281 19.50 18.96 -10.54
N ARG A 282 18.53 19.13 -11.42
CA ARG A 282 17.14 18.92 -11.06
C ARG A 282 16.66 17.54 -11.51
N GLN A 283 16.36 16.66 -10.54
CA GLN A 283 15.95 15.31 -10.86
C GLN A 283 14.47 15.12 -10.56
N ALA A 284 13.70 14.78 -11.59
CA ALA A 284 12.28 14.44 -11.43
C ALA A 284 12.10 12.94 -11.20
N SER A 285 11.05 12.57 -10.48
CA SER A 285 10.72 11.17 -10.23
C SER A 285 9.72 10.65 -11.24
N VAL A 286 9.41 9.36 -11.16
CA VAL A 286 8.46 8.75 -12.07
C VAL A 286 7.06 9.37 -11.92
N ILE A 287 6.76 9.91 -10.75
CA ILE A 287 5.47 10.57 -10.56
C ILE A 287 5.52 12.11 -10.58
N GLY A 288 6.68 12.66 -10.94
CA GLY A 288 6.77 14.08 -11.19
C GLY A 288 7.25 14.96 -10.06
N SER A 289 7.54 14.38 -8.91
CA SER A 289 8.12 15.14 -7.83
C SER A 289 9.60 15.42 -8.14
N GLN A 290 10.20 16.39 -7.48
CA GLN A 290 11.57 16.79 -7.82
C GLN A 290 12.46 17.01 -6.62
N PHE A 291 13.73 16.68 -6.80
CA PHE A 291 14.81 17.09 -5.92
C PHE A 291 15.72 18.01 -6.71
N SER A 292 16.32 18.99 -6.03
CA SER A 292 17.45 19.72 -6.59
C SER A 292 18.70 19.28 -5.85
N ALA A 293 19.80 19.15 -6.57
CA ALA A 293 21.00 18.52 -6.01
C ALA A 293 22.24 19.13 -6.62
N HIS A 294 23.31 19.16 -5.83
CA HIS A 294 24.63 19.54 -6.32
C HIS A 294 25.63 18.81 -5.45
N TYR A 295 26.91 18.91 -5.79
CA TYR A 295 27.91 18.24 -4.97
C TYR A 295 29.05 19.18 -4.64
N GLU A 296 29.75 18.89 -3.55
CA GLU A 296 30.95 19.62 -3.23
C GLU A 296 32.11 18.66 -3.26
N LYS A 297 33.31 19.17 -3.54
CA LYS A 297 34.49 18.32 -3.60
C LYS A 297 35.35 18.58 -2.38
N VAL A 298 35.58 17.53 -1.60
CA VAL A 298 36.54 17.60 -0.51
C VAL A 298 37.52 16.44 -0.58
N GLY A 299 38.76 16.77 -0.90
CA GLY A 299 39.77 15.76 -1.10
C GLY A 299 39.47 14.98 -2.36
N GLU A 300 39.63 13.66 -2.28
CA GLU A 300 39.31 12.81 -3.41
C GLU A 300 37.84 12.46 -3.36
N GLN A 301 37.11 13.06 -2.41
CA GLN A 301 35.72 12.69 -2.17
C GLN A 301 34.67 13.66 -2.72
N LEU A 302 33.59 13.08 -3.22
CA LEU A 302 32.46 13.84 -3.75
C LEU A 302 31.31 13.80 -2.75
N ILE A 303 30.84 14.97 -2.32
CA ILE A 303 29.81 15.04 -1.29
C ILE A 303 28.53 15.51 -1.94
N PRO A 304 27.54 14.61 -2.06
CA PRO A 304 26.27 14.98 -2.69
C PRO A 304 25.34 15.66 -1.71
N ILE A 305 24.70 16.75 -2.16
CA ILE A 305 23.79 17.53 -1.34
C ILE A 305 22.41 17.60 -2.01
N LEU A 306 21.38 17.10 -1.33
CA LEU A 306 20.05 16.93 -1.93
C LEU A 306 19.03 17.78 -1.20
N ARG A 307 18.18 18.48 -1.94
CA ARG A 307 17.14 19.31 -1.34
C ARG A 307 15.75 18.90 -1.81
N GLY A 308 14.83 18.76 -0.87
CA GLY A 308 13.46 18.41 -1.19
C GLY A 308 12.55 18.71 -0.03
N SER A 309 11.26 18.43 -0.19
CA SER A 309 10.30 18.72 0.87
C SER A 309 9.48 17.50 1.23
N ALA A 310 9.23 17.34 2.53
CA ALA A 310 8.31 16.32 2.97
C ALA A 310 7.08 17.00 3.56
N HIS A 311 5.97 16.28 3.61
CA HIS A 311 4.77 16.75 4.29
C HIS A 311 4.28 15.65 5.22
N ILE A 312 3.73 16.06 6.36
CA ILE A 312 3.21 15.09 7.30
C ILE A 312 1.95 14.45 6.73
N SER A 313 1.88 13.12 6.84
CA SER A 313 0.73 12.35 6.38
C SER A 313 -0.24 12.02 7.50
N ALA A 314 0.29 11.55 8.64
CA ALA A 314 -0.56 11.12 9.73
C ALA A 314 0.23 10.99 11.02
N GLU A 315 -0.46 11.19 12.12
CA GLU A 315 0.02 10.75 13.43
C GLU A 315 -0.71 9.46 13.73
N ALA A 316 0.04 8.41 14.03
CA ALA A 316 -0.62 7.12 14.25
C ALA A 316 0.02 6.32 15.38
N THR A 317 -0.83 5.51 16.03
CA THR A 317 -0.35 4.49 16.95
C THR A 317 -0.73 3.13 16.40
N LEU A 318 0.26 2.37 15.93
CA LEU A 318 -0.01 1.01 15.47
C LEU A 318 -0.28 0.13 16.68
N LEU A 319 -1.26 -0.76 16.56
CA LEU A 319 -1.64 -1.63 17.66
C LEU A 319 -1.43 -3.10 17.28
N LEU A 320 -0.65 -3.82 18.07
CA LEU A 320 -0.29 -5.20 17.77
C LEU A 320 -1.06 -6.17 18.65
N ASP A 321 -2.14 -6.71 18.08
CA ASP A 321 -3.03 -7.65 18.75
C ASP A 321 -2.44 -9.07 18.71
N ASP A 322 -2.14 -9.65 19.87
CA ASP A 322 -1.61 -11.02 19.93
C ASP A 322 -2.52 -12.07 19.31
N SER A 323 -3.82 -11.77 19.22
CA SER A 323 -4.77 -12.71 18.63
C SER A 323 -4.83 -12.62 17.12
N ASP A 324 -4.15 -11.62 16.55
CA ASP A 324 -4.15 -11.39 15.12
C ASP A 324 -3.13 -12.32 14.48
N PRO A 325 -3.58 -13.18 13.56
CA PRO A 325 -2.70 -14.07 12.80
C PRO A 325 -1.60 -13.32 12.05
N PHE A 326 -1.87 -12.08 11.67
CA PHE A 326 -0.90 -11.29 10.92
C PHE A 326 -0.31 -10.18 11.77
N VAL A 327 -0.26 -10.39 13.08
CA VAL A 327 0.34 -9.40 13.98
C VAL A 327 1.77 -9.03 13.57
N TRP A 328 2.52 -9.99 13.04
CA TRP A 328 3.88 -9.70 12.61
C TRP A 328 3.98 -9.61 11.09
N GLY A 329 2.85 -9.28 10.45
CA GLY A 329 2.84 -9.07 9.01
C GLY A 329 2.50 -10.27 8.17
N ILE A 330 1.97 -9.98 6.99
CA ILE A 330 1.58 -10.98 6.01
C ILE A 330 2.74 -11.45 5.14
N GLY A 331 2.76 -12.74 4.82
CA GLY A 331 3.50 -13.19 3.66
C GLY A 331 4.93 -13.58 3.92
N SER A 332 5.62 -13.93 2.83
CA SER A 332 6.93 -14.57 2.89
C SER A 332 7.98 -13.76 3.66
N MET B 23 -3.52 22.35 8.40
CA MET B 23 -3.75 20.91 8.30
C MET B 23 -5.17 20.52 8.72
N LYS B 24 -6.02 20.21 7.74
CA LYS B 24 -7.30 19.57 8.05
C LYS B 24 -6.99 18.21 8.64
N LYS B 25 -7.83 17.74 9.57
CA LYS B 25 -7.59 16.44 10.20
C LYS B 25 -8.71 15.45 9.91
N ILE B 26 -8.33 14.21 9.61
CA ILE B 26 -9.29 13.12 9.44
C ILE B 26 -8.95 12.04 10.46
N THR B 27 -9.87 11.79 11.39
CA THR B 27 -9.63 10.83 12.46
C THR B 27 -10.14 9.45 12.03
N VAL B 28 -9.28 8.44 12.12
CA VAL B 28 -9.64 7.11 11.65
C VAL B 28 -9.26 6.01 12.62
N ILE B 29 -9.96 4.88 12.51
CA ILE B 29 -9.51 3.64 13.10
C ILE B 29 -9.23 2.71 11.93
N ASP B 30 -7.97 2.31 11.77
CA ASP B 30 -7.61 1.36 10.73
C ASP B 30 -7.70 -0.03 11.34
N SER B 31 -8.33 -0.95 10.60
CA SER B 31 -8.38 -2.36 11.01
C SER B 31 -8.13 -3.20 9.78
N HIS B 32 -8.07 -4.53 9.96
CA HIS B 32 -8.07 -5.42 8.82
C HIS B 32 -8.89 -6.67 9.14
N THR B 33 -9.50 -7.23 8.11
CA THR B 33 -10.28 -8.45 8.24
C THR B 33 -9.63 -9.51 7.38
N GLY B 34 -8.95 -10.46 8.01
CA GLY B 34 -8.25 -11.49 7.26
C GLY B 34 -7.19 -10.90 6.35
N GLY B 35 -6.64 -9.76 6.75
CA GLY B 35 -5.61 -9.11 5.97
C GLY B 35 -6.10 -7.98 5.05
N GLU B 36 -7.40 -7.92 4.80
CA GLU B 36 -7.96 -6.84 3.98
C GLU B 36 -8.24 -5.62 4.85
N PRO B 37 -7.61 -4.47 4.53
CA PRO B 37 -7.76 -3.36 5.47
C PRO B 37 -9.05 -2.55 5.31
N THR B 38 -9.50 -1.96 6.42
CA THR B 38 -10.61 -1.02 6.45
C THR B 38 -10.19 0.25 7.20
N ARG B 39 -10.31 1.40 6.53
CA ARG B 39 -10.03 2.68 7.18
C ARG B 39 -11.36 3.31 7.58
N LEU B 40 -11.72 3.21 8.86
CA LEU B 40 -12.99 3.76 9.33
C LEU B 40 -12.86 5.24 9.70
N VAL B 41 -13.48 6.11 8.92
CA VAL B 41 -13.42 7.54 9.19
C VAL B 41 -14.45 7.91 10.24
N ILE B 42 -13.98 8.37 11.40
CA ILE B 42 -14.91 8.68 12.49
C ILE B 42 -15.12 10.18 12.70
N ASP B 43 -14.30 11.01 12.06
CA ASP B 43 -14.48 12.46 12.09
C ASP B 43 -13.63 13.11 11.01
N GLY B 44 -14.07 14.27 10.52
CA GLY B 44 -13.25 15.05 9.60
C GLY B 44 -13.76 15.23 8.18
N PHE B 45 -14.68 14.37 7.75
CA PHE B 45 -15.22 14.49 6.40
C PHE B 45 -16.31 15.56 6.36
N PRO B 46 -16.61 16.07 5.15
CA PRO B 46 -17.69 17.07 5.02
C PRO B 46 -19.04 16.52 5.45
N ASP B 47 -19.94 17.40 5.89
CA ASP B 47 -21.28 16.98 6.25
C ASP B 47 -22.06 16.60 5.01
N LEU B 48 -22.75 15.48 5.05
CA LEU B 48 -23.45 14.97 3.88
C LEU B 48 -24.95 15.05 4.03
N GLY B 49 -25.42 15.68 5.11
CA GLY B 49 -26.85 15.85 5.31
C GLY B 49 -27.47 14.70 6.09
N ARG B 50 -28.78 14.58 5.98
CA ARG B 50 -29.54 13.63 6.80
C ARG B 50 -30.35 12.63 5.99
N GLY B 51 -30.02 12.50 4.71
CA GLY B 51 -30.71 11.55 3.86
C GLY B 51 -30.33 10.09 4.10
N SER B 52 -30.77 9.21 3.21
CA SER B 52 -30.39 7.80 3.31
C SER B 52 -28.89 7.67 3.04
N MET B 53 -28.31 6.51 3.34
CA MET B 53 -26.89 6.32 3.05
C MET B 53 -26.65 6.42 1.55
N ALA B 54 -27.61 5.96 0.75
CA ALA B 54 -27.51 6.05 -0.70
C ALA B 54 -27.50 7.50 -1.18
N GLU B 55 -28.35 8.33 -0.56
CA GLU B 55 -28.39 9.76 -0.91
C GLU B 55 -27.10 10.47 -0.46
N ARG B 56 -26.58 10.10 0.70
CA ARG B 56 -25.32 10.67 1.18
C ARG B 56 -24.16 10.25 0.30
N LEU B 57 -24.19 9.04 -0.22
CA LEU B 57 -23.15 8.58 -1.16
C LEU B 57 -23.13 9.47 -2.40
N GLN B 58 -24.31 9.79 -2.94
CA GLN B 58 -24.40 10.64 -4.12
C GLN B 58 -23.75 12.00 -3.88
N ILE B 59 -24.03 12.58 -2.72
CA ILE B 59 -23.46 13.86 -2.34
C ILE B 59 -21.94 13.77 -2.13
N LEU B 60 -21.51 12.72 -1.43
CA LEU B 60 -20.07 12.51 -1.22
C LEU B 60 -19.32 12.41 -2.55
N GLU B 61 -19.81 11.58 -3.46
CA GLU B 61 -19.17 11.41 -4.75
C GLU B 61 -19.18 12.69 -5.59
N ARG B 62 -20.35 13.34 -5.68
CA ARG B 62 -20.49 14.50 -6.56
C ARG B 62 -19.72 15.72 -6.04
N GLU B 63 -19.82 15.97 -4.75
CA GLU B 63 -19.31 17.22 -4.19
C GLU B 63 -17.98 17.12 -3.47
N HIS B 64 -17.66 15.92 -2.98
CA HIS B 64 -16.52 15.74 -2.08
C HIS B 64 -15.63 14.56 -2.43
N ASP B 65 -15.57 14.18 -3.72
CA ASP B 65 -14.77 13.00 -4.08
C ASP B 65 -13.27 13.17 -3.80
N GLN B 66 -12.80 14.41 -3.76
CA GLN B 66 -11.39 14.66 -3.38
C GLN B 66 -11.11 14.10 -1.99
N TRP B 67 -12.11 14.08 -1.11
CA TRP B 67 -11.93 13.55 0.24
C TRP B 67 -11.72 12.04 0.28
N ARG B 68 -12.44 11.31 -0.59
CA ARG B 68 -12.18 9.88 -0.77
C ARG B 68 -10.73 9.68 -1.19
N ARG B 69 -10.29 10.46 -2.16
CA ARG B 69 -8.95 10.33 -2.69
C ARG B 69 -7.88 10.64 -1.62
N ALA B 70 -8.10 11.68 -0.83
CA ALA B 70 -7.19 12.02 0.28
C ALA B 70 -7.08 10.89 1.30
N CYS B 71 -8.21 10.22 1.54
CA CYS B 71 -8.32 9.22 2.60
C CYS B 71 -7.70 7.89 2.20
N VAL B 72 -7.89 7.48 0.95
CA VAL B 72 -7.46 6.12 0.56
C VAL B 72 -6.40 5.97 -0.53
N LEU B 73 -6.15 7.01 -1.34
CA LEU B 73 -5.05 6.89 -2.30
C LEU B 73 -3.70 7.15 -1.64
N GLU B 74 -2.63 6.71 -2.30
CA GLU B 74 -1.29 7.21 -1.97
C GLU B 74 -1.31 8.74 -1.96
N PRO B 75 -0.49 9.37 -1.10
CA PRO B 75 0.47 8.74 -0.18
C PRO B 75 -0.08 8.39 1.21
N ARG B 76 -1.21 8.98 1.60
CA ARG B 76 -1.75 8.77 2.95
C ARG B 76 -2.53 7.46 3.10
N GLY B 77 -2.89 6.86 1.97
CA GLY B 77 -3.47 5.52 1.97
C GLY B 77 -2.69 4.61 1.05
N SER B 78 -3.39 3.70 0.38
CA SER B 78 -2.79 2.68 -0.46
C SER B 78 -3.83 2.16 -1.42
N ASP B 79 -3.41 1.70 -2.59
CA ASP B 79 -4.35 1.12 -3.56
C ASP B 79 -5.21 -0.02 -3.01
N VAL B 80 -4.64 -0.78 -2.06
CA VAL B 80 -5.33 -1.91 -1.43
C VAL B 80 -6.48 -1.48 -0.52
N LEU B 81 -6.41 -0.26 -0.02
CA LEU B 81 -7.26 0.20 1.09
C LEU B 81 -8.75 0.37 0.73
N VAL B 82 -9.62 -0.09 1.63
CA VAL B 82 -11.03 0.23 1.51
C VAL B 82 -11.40 1.17 2.65
N GLY B 83 -12.08 2.26 2.33
CA GLY B 83 -12.50 3.22 3.34
C GLY B 83 -13.95 3.01 3.72
N ALA B 84 -14.31 3.45 4.92
CA ALA B 84 -15.68 3.35 5.40
C ALA B 84 -15.97 4.61 6.19
N LEU B 85 -16.87 5.44 5.67
CA LEU B 85 -17.26 6.66 6.36
C LEU B 85 -18.38 6.35 7.35
N LEU B 86 -18.12 6.59 8.62
CA LEU B 86 -19.12 6.33 9.65
C LEU B 86 -20.15 7.45 9.58
N CYS B 87 -21.44 7.09 9.54
CA CYS B 87 -22.50 8.09 9.44
C CYS B 87 -23.52 7.87 10.53
N GLN B 88 -24.16 8.96 10.96
CA GLN B 88 -25.32 8.86 11.83
C GLN B 88 -26.45 8.27 10.98
N PRO B 89 -27.13 7.22 11.49
CA PRO B 89 -28.15 6.58 10.67
C PRO B 89 -29.48 7.32 10.75
N GLN B 90 -30.38 7.01 9.83
CA GLN B 90 -31.73 7.56 9.86
C GLN B 90 -32.60 6.89 10.91
N ALA B 91 -32.45 5.57 11.04
CA ALA B 91 -33.30 4.79 11.94
C ALA B 91 -32.78 4.83 13.39
N GLY B 92 -33.70 5.03 14.32
CA GLY B 92 -33.35 5.06 15.73
C GLY B 92 -32.83 3.73 16.25
N ASP B 93 -33.21 2.63 15.61
CA ASP B 93 -32.79 1.31 16.07
C ASP B 93 -31.50 0.82 15.41
N ALA B 94 -30.91 1.67 14.56
CA ALA B 94 -29.63 1.35 13.93
C ALA B 94 -28.50 1.96 14.75
N CYS B 95 -27.36 1.29 14.82
CA CYS B 95 -26.24 1.80 15.62
C CYS B 95 -25.31 2.67 14.80
N ALA B 96 -25.43 2.58 13.47
CA ALA B 96 -24.54 3.32 12.57
C ALA B 96 -25.01 3.21 11.12
N GLY B 97 -24.53 4.14 10.30
CA GLY B 97 -24.64 4.02 8.86
C GLY B 97 -23.22 4.07 8.34
N VAL B 98 -23.02 3.62 7.09
CA VAL B 98 -21.70 3.56 6.52
C VAL B 98 -21.77 3.71 5.01
N ILE B 99 -20.75 4.36 4.44
CA ILE B 99 -20.53 4.39 3.00
C ILE B 99 -19.13 3.84 2.74
N PHE B 100 -19.02 2.86 1.85
CA PHE B 100 -17.74 2.22 1.57
C PHE B 100 -17.15 2.70 0.24
N PHE B 101 -15.84 2.88 0.22
CA PHE B 101 -15.18 3.32 -1.00
C PHE B 101 -13.80 2.71 -1.13
N ASN B 102 -13.25 2.76 -2.34
CA ASN B 102 -11.92 2.22 -2.62
C ASN B 102 -11.15 3.15 -3.55
N ASN B 103 -10.03 2.66 -4.08
CA ASN B 103 -9.17 3.51 -4.90
C ASN B 103 -9.83 4.00 -6.18
N SER B 104 -10.86 3.30 -6.65
CA SER B 104 -11.47 3.71 -7.91
C SER B 104 -12.81 4.43 -7.76
N GLY B 105 -13.52 4.17 -6.66
CA GLY B 105 -14.83 4.78 -6.48
C GLY B 105 -15.57 4.25 -5.27
N TYR B 106 -16.87 3.96 -5.45
CA TYR B 106 -17.72 3.60 -4.32
C TYR B 106 -18.19 2.16 -4.41
N LEU B 107 -18.28 1.53 -3.25
CA LEU B 107 -18.85 0.21 -3.16
C LEU B 107 -20.33 0.28 -2.80
N GLY B 108 -20.98 -0.89 -2.79
CA GLY B 108 -22.35 -1.02 -2.32
C GLY B 108 -22.27 -1.47 -0.87
N MET B 109 -22.45 -2.76 -0.62
CA MET B 109 -22.14 -3.29 0.69
C MET B 109 -20.65 -3.69 0.70
N CYS B 110 -20.13 -4.01 1.87
CA CYS B 110 -18.76 -4.48 2.01
C CYS B 110 -18.71 -5.36 3.25
N GLY B 111 -18.54 -6.66 3.04
CA GLY B 111 -18.56 -7.62 4.13
C GLY B 111 -17.36 -7.51 5.07
N HIS B 112 -16.15 -7.51 4.53
CA HIS B 112 -14.97 -7.40 5.38
C HIS B 112 -15.02 -6.04 6.08
N GLY B 113 -15.51 -5.03 5.37
CA GLY B 113 -15.59 -3.67 5.87
C GLY B 113 -16.55 -3.50 7.02
N THR B 114 -17.67 -4.24 6.96
CA THR B 114 -18.67 -4.21 8.03
C THR B 114 -18.14 -4.92 9.30
N ILE B 115 -17.41 -6.01 9.10
CA ILE B 115 -16.77 -6.69 10.21
C ILE B 115 -15.76 -5.73 10.87
N GLY B 116 -14.96 -5.06 10.04
CA GLY B 116 -14.04 -4.05 10.55
C GLY B 116 -14.74 -2.91 11.29
N LEU B 117 -15.81 -2.39 10.70
CA LEU B 117 -16.57 -1.32 11.34
C LEU B 117 -17.05 -1.69 12.75
N VAL B 118 -17.65 -2.87 12.87
CA VAL B 118 -18.23 -3.30 14.14
C VAL B 118 -17.13 -3.51 15.19
N ARG B 119 -16.05 -4.17 14.78
CA ARG B 119 -14.94 -4.40 15.69
C ARG B 119 -14.31 -3.07 16.12
N SER B 120 -14.35 -2.08 15.23
CA SER B 120 -13.80 -0.75 15.53
C SER B 120 -14.70 0.05 16.48
N LEU B 121 -16.02 -0.07 16.30
CA LEU B 121 -16.95 0.56 17.23
C LEU B 121 -16.79 -0.03 18.63
N TYR B 122 -16.54 -1.33 18.69
CA TYR B 122 -16.29 -1.99 19.97
C TYR B 122 -15.01 -1.46 20.60
N HIS B 123 -13.97 -1.33 19.78
CA HIS B 123 -12.70 -0.78 20.22
C HIS B 123 -12.86 0.63 20.80
N LEU B 124 -13.73 1.43 20.18
CA LEU B 124 -13.98 2.81 20.61
C LEU B 124 -14.91 2.87 21.82
N GLY B 125 -15.47 1.72 22.20
CA GLY B 125 -16.34 1.66 23.36
C GLY B 125 -17.76 2.13 23.07
N ARG B 126 -18.13 2.21 21.80
CA ARG B 126 -19.43 2.75 21.41
C ARG B 126 -20.53 1.69 21.35
N ILE B 127 -20.13 0.43 21.21
CA ILE B 127 -21.09 -0.66 21.26
C ILE B 127 -20.52 -1.78 22.11
N ASP B 128 -21.41 -2.69 22.54
CA ASP B 128 -20.99 -3.88 23.24
C ASP B 128 -21.36 -5.08 22.38
N GLN B 129 -21.00 -6.27 22.85
CA GLN B 129 -21.37 -7.51 22.18
C GLN B 129 -22.89 -7.60 22.02
N GLY B 130 -23.32 -8.19 20.92
CA GLY B 130 -24.74 -8.31 20.65
C GLY B 130 -25.11 -7.99 19.21
N VAL B 131 -26.39 -7.75 18.99
CA VAL B 131 -26.93 -7.54 17.66
C VAL B 131 -27.06 -6.05 17.30
N HIS B 132 -26.52 -5.67 16.15
CA HIS B 132 -26.56 -4.28 15.71
C HIS B 132 -27.01 -4.18 14.26
N ARG B 133 -27.78 -3.13 13.97
CA ARG B 133 -28.20 -2.88 12.60
C ARG B 133 -27.39 -1.74 12.02
N ILE B 134 -26.90 -1.94 10.81
CA ILE B 134 -26.02 -0.97 10.16
C ILE B 134 -26.62 -0.58 8.82
N GLU B 135 -26.86 0.72 8.62
CA GLU B 135 -27.41 1.20 7.36
C GLU B 135 -26.31 1.31 6.30
N THR B 136 -26.60 0.87 5.08
CA THR B 136 -25.65 0.98 3.96
C THR B 136 -26.40 1.53 2.73
N PRO B 137 -25.66 1.91 1.68
CA PRO B 137 -26.29 2.39 0.46
C PRO B 137 -27.14 1.35 -0.28
N VAL B 138 -27.03 0.07 0.08
CA VAL B 138 -27.82 -0.95 -0.59
C VAL B 138 -28.77 -1.65 0.36
N GLY B 139 -28.94 -1.08 1.55
CA GLY B 139 -29.87 -1.63 2.52
C GLY B 139 -29.26 -1.81 3.88
N THR B 140 -30.10 -2.13 4.86
CA THR B 140 -29.65 -2.31 6.23
C THR B 140 -29.23 -3.76 6.46
N VAL B 141 -28.06 -3.93 7.06
CA VAL B 141 -27.56 -5.27 7.42
C VAL B 141 -27.55 -5.40 8.93
N GLU B 142 -27.48 -6.64 9.41
CA GLU B 142 -27.48 -6.88 10.83
C GLU B 142 -26.21 -7.60 11.22
N ALA B 143 -25.44 -7.01 12.12
CA ALA B 143 -24.17 -7.61 12.54
C ALA B 143 -24.28 -8.08 13.99
N THR B 144 -23.77 -9.28 14.26
CA THR B 144 -23.69 -9.79 15.62
C THR B 144 -22.23 -9.83 16.06
N LEU B 145 -21.89 -9.07 17.09
CA LEU B 145 -20.56 -9.13 17.68
C LEU B 145 -20.58 -10.23 18.73
N HIS B 146 -19.80 -11.28 18.50
CA HIS B 146 -19.86 -12.45 19.38
C HIS B 146 -18.93 -12.30 20.59
N GLU B 147 -18.97 -13.29 21.48
CA GLU B 147 -18.13 -13.27 22.67
C GLU B 147 -16.64 -13.33 22.31
N ASP B 148 -16.32 -14.07 21.25
CA ASP B 148 -14.93 -14.16 20.79
C ASP B 148 -14.51 -12.94 19.95
N LEU B 149 -15.42 -11.98 19.82
CA LEU B 149 -15.21 -10.71 19.08
C LEU B 149 -15.19 -10.87 17.57
N SER B 150 -15.51 -12.06 17.08
CA SER B 150 -15.79 -12.24 15.66
C SER B 150 -17.15 -11.63 15.38
N VAL B 151 -17.46 -11.40 14.11
CA VAL B 151 -18.70 -10.74 13.74
C VAL B 151 -19.41 -11.55 12.66
N SER B 152 -20.69 -11.82 12.87
CA SER B 152 -21.52 -12.37 11.82
C SER B 152 -22.31 -11.24 11.17
N VAL B 153 -22.27 -11.18 9.85
CA VAL B 153 -23.03 -10.17 9.14
C VAL B 153 -24.15 -10.82 8.36
N ARG B 154 -25.39 -10.47 8.71
CA ARG B 154 -26.54 -10.87 7.93
C ARG B 154 -26.70 -9.83 6.82
N ASN B 155 -26.27 -10.20 5.62
CA ASN B 155 -26.13 -9.29 4.49
C ASN B 155 -27.50 -9.05 3.81
N VAL B 156 -27.53 -8.09 2.88
CA VAL B 156 -28.69 -7.91 2.00
C VAL B 156 -28.88 -9.15 1.13
N PRO B 157 -30.08 -9.32 0.55
CA PRO B 157 -30.33 -10.53 -0.26
C PRO B 157 -29.38 -10.66 -1.44
N ALA B 158 -29.07 -11.93 -1.76
CA ALA B 158 -28.17 -12.26 -2.84
C ALA B 158 -28.88 -13.15 -3.85
N TYR B 159 -28.46 -13.10 -5.11
CA TYR B 159 -29.10 -13.90 -6.15
C TYR B 159 -28.20 -14.05 -7.37
N ARG B 160 -28.40 -15.12 -8.12
CA ARG B 160 -27.72 -15.29 -9.41
C ARG B 160 -28.59 -14.72 -10.53
N TYR B 161 -27.99 -13.88 -11.37
CA TYR B 161 -28.67 -13.19 -12.46
C TYR B 161 -28.63 -14.02 -13.74
N ARG B 162 -27.43 -14.48 -14.10
CA ARG B 162 -27.24 -15.33 -15.26
C ARG B 162 -26.25 -16.44 -14.89
N THR B 163 -26.35 -17.59 -15.56
CA THR B 163 -25.44 -18.69 -15.26
C THR B 163 -24.70 -19.22 -16.48
N GLN B 164 -23.48 -19.69 -16.24
CA GLN B 164 -22.56 -20.15 -17.28
C GLN B 164 -22.56 -19.29 -18.55
N VAL B 165 -22.35 -18.00 -18.35
CA VAL B 165 -22.18 -17.03 -19.44
C VAL B 165 -20.81 -17.26 -20.05
N MET B 166 -20.79 -17.49 -21.37
CA MET B 166 -19.54 -17.81 -22.07
C MET B 166 -18.73 -16.57 -22.38
N LEU B 167 -17.41 -16.67 -22.18
CA LEU B 167 -16.51 -15.55 -22.44
C LEU B 167 -15.26 -16.06 -23.15
N GLN B 168 -14.89 -15.39 -24.24
CA GLN B 168 -13.68 -15.75 -24.96
C GLN B 168 -12.51 -14.93 -24.40
N LEU B 169 -11.53 -15.61 -23.83
CA LEU B 169 -10.34 -14.95 -23.32
C LEU B 169 -9.16 -15.20 -24.25
N PRO B 170 -8.73 -14.15 -24.98
CA PRO B 170 -7.53 -14.17 -25.81
C PRO B 170 -6.35 -14.84 -25.12
N GLY B 171 -5.79 -15.88 -25.73
CA GLY B 171 -4.67 -16.59 -25.15
C GLY B 171 -5.05 -17.68 -24.16
N HIS B 172 -6.28 -17.62 -23.67
CA HIS B 172 -6.76 -18.60 -22.71
C HIS B 172 -7.90 -19.43 -23.29
N GLY B 173 -8.73 -18.78 -24.09
CA GLY B 173 -9.85 -19.46 -24.71
C GLY B 173 -11.15 -19.19 -23.99
N LYS B 174 -12.09 -20.13 -24.07
CA LYS B 174 -13.40 -19.97 -23.44
C LYS B 174 -13.38 -20.15 -21.94
N VAL B 175 -14.08 -19.26 -21.24
CA VAL B 175 -14.42 -19.48 -19.84
C VAL B 175 -15.91 -19.28 -19.67
N HIS B 176 -16.46 -19.87 -18.62
CA HIS B 176 -17.87 -19.67 -18.30
C HIS B 176 -17.93 -19.11 -16.89
N GLY B 177 -18.83 -18.16 -16.68
CA GLY B 177 -18.96 -17.55 -15.37
C GLY B 177 -20.41 -17.32 -15.02
N ASP B 178 -20.68 -17.15 -13.73
CA ASP B 178 -22.01 -16.76 -13.27
C ASP B 178 -21.98 -15.25 -13.00
N ILE B 179 -23.09 -14.59 -13.25
CA ILE B 179 -23.22 -13.19 -12.87
C ILE B 179 -24.15 -13.16 -11.66
N ALA B 180 -23.68 -12.59 -10.56
CA ALA B 180 -24.46 -12.66 -9.33
C ALA B 180 -24.25 -11.42 -8.45
N TRP B 181 -25.30 -11.09 -7.70
CA TRP B 181 -25.31 -9.95 -6.79
C TRP B 181 -25.18 -10.40 -5.35
N GLY B 182 -24.17 -9.86 -4.66
CA GLY B 182 -23.98 -10.15 -3.26
C GLY B 182 -23.87 -8.89 -2.42
N GLY B 183 -24.37 -7.78 -2.95
CA GLY B 183 -24.11 -6.48 -2.37
C GLY B 183 -23.17 -5.63 -3.22
N ASN B 184 -22.54 -6.28 -4.20
CA ASN B 184 -21.86 -5.67 -5.35
C ASN B 184 -22.07 -6.69 -6.48
N TRP B 185 -21.77 -6.31 -7.72
CA TRP B 185 -21.88 -7.24 -8.86
C TRP B 185 -20.59 -8.05 -9.13
N PHE B 186 -20.74 -9.37 -9.22
CA PHE B 186 -19.60 -10.26 -9.42
C PHE B 186 -19.73 -11.14 -10.66
N PHE B 187 -18.59 -11.44 -11.27
CA PHE B 187 -18.50 -12.53 -12.23
C PHE B 187 -17.71 -13.64 -11.52
N LEU B 188 -18.29 -14.83 -11.46
CA LEU B 188 -17.70 -15.94 -10.72
C LEU B 188 -17.27 -17.06 -11.65
N ILE B 189 -16.00 -17.44 -11.59
CA ILE B 189 -15.44 -18.43 -12.51
C ILE B 189 -14.77 -19.58 -11.77
N SER B 190 -15.11 -20.81 -12.15
CA SER B 190 -14.42 -22.00 -11.63
C SER B 190 -13.49 -22.66 -12.66
N ASP B 191 -13.77 -22.48 -13.95
CA ASP B 191 -13.01 -23.17 -15.00
C ASP B 191 -11.91 -22.32 -15.64
N HIS B 192 -11.15 -21.62 -14.80
CA HIS B 192 -10.15 -20.68 -15.25
C HIS B 192 -8.78 -21.32 -15.50
N GLY B 193 -8.47 -22.37 -14.75
CA GLY B 193 -7.21 -23.07 -14.90
C GLY B 193 -6.02 -22.33 -14.34
N GLN B 194 -6.28 -21.37 -13.45
CA GLN B 194 -5.22 -20.57 -12.83
C GLN B 194 -4.93 -21.11 -11.44
N ARG B 195 -3.69 -20.95 -10.99
CA ARG B 195 -3.29 -21.36 -9.66
C ARG B 195 -3.57 -20.24 -8.65
N ILE B 196 -4.40 -20.52 -7.66
CA ILE B 196 -4.78 -19.51 -6.67
C ILE B 196 -3.90 -19.59 -5.43
N ALA B 197 -2.97 -18.63 -5.32
CA ALA B 197 -2.03 -18.56 -4.20
C ALA B 197 -1.39 -17.18 -4.17
N LEU B 198 -0.96 -16.75 -2.99
CA LEU B 198 -0.37 -15.42 -2.82
C LEU B 198 0.81 -15.19 -3.75
N ASP B 199 1.58 -16.24 -4.04
CA ASP B 199 2.78 -16.06 -4.88
C ASP B 199 2.44 -15.94 -6.36
N ASN B 200 1.16 -15.99 -6.69
CA ASN B 200 0.72 -15.89 -8.07
C ASN B 200 -0.23 -14.71 -8.34
N VAL B 201 -0.31 -13.76 -7.40
CA VAL B 201 -1.25 -12.65 -7.54
C VAL B 201 -1.03 -11.77 -8.76
N GLU B 202 0.20 -11.73 -9.28
CA GLU B 202 0.47 -10.98 -10.49
C GLU B 202 -0.27 -11.56 -11.70
N ALA B 203 -0.11 -12.86 -11.92
CA ALA B 203 -0.79 -13.52 -13.02
C ALA B 203 -2.30 -13.48 -12.82
N LEU B 204 -2.75 -13.68 -11.59
CA LEU B 204 -4.18 -13.67 -11.28
C LEU B 204 -4.80 -12.30 -11.57
N THR B 205 -4.07 -11.24 -11.26
CA THR B 205 -4.51 -9.88 -11.50
C THR B 205 -4.67 -9.63 -13.00
N HIS B 206 -3.68 -10.03 -13.78
CA HIS B 206 -3.77 -9.92 -15.24
C HIS B 206 -4.94 -10.70 -15.82
N TYR B 207 -5.14 -11.92 -15.32
CA TYR B 207 -6.20 -12.78 -15.82
C TYR B 207 -7.57 -12.15 -15.60
N THR B 208 -7.80 -11.67 -14.39
CA THR B 208 -9.10 -11.10 -14.04
C THR B 208 -9.33 -9.75 -14.72
N ARG B 209 -8.26 -9.01 -14.97
CA ARG B 209 -8.37 -7.77 -15.73
C ARG B 209 -8.82 -8.06 -17.15
N ASP B 210 -8.28 -9.13 -17.73
CA ASP B 210 -8.67 -9.56 -19.07
C ASP B 210 -10.14 -9.99 -19.09
N VAL B 211 -10.57 -10.63 -18.01
CA VAL B 211 -11.96 -11.06 -17.89
C VAL B 211 -12.89 -9.86 -17.90
N ARG B 212 -12.60 -8.86 -17.06
CA ARG B 212 -13.46 -7.68 -17.01
C ARG B 212 -13.49 -6.95 -18.35
N GLN B 213 -12.34 -6.89 -19.03
CA GLN B 213 -12.25 -6.33 -20.37
C GLN B 213 -13.19 -7.02 -21.34
N ALA B 214 -13.17 -8.35 -21.31
CA ALA B 214 -13.98 -9.18 -22.19
C ALA B 214 -15.46 -8.94 -21.92
N LEU B 215 -15.80 -8.80 -20.64
CA LEU B 215 -17.17 -8.50 -20.25
C LEU B 215 -17.59 -7.15 -20.83
N GLU B 216 -16.73 -6.15 -20.64
CA GLU B 216 -17.02 -4.79 -21.13
C GLU B 216 -17.12 -4.77 -22.66
N ALA B 217 -16.24 -5.51 -23.33
CA ALA B 217 -16.26 -5.63 -24.78
C ALA B 217 -17.60 -6.18 -25.30
N ALA B 218 -18.11 -7.21 -24.64
CA ALA B 218 -19.29 -7.93 -25.11
C ALA B 218 -20.61 -7.37 -24.58
N GLY B 219 -20.53 -6.29 -23.79
CA GLY B 219 -21.73 -5.62 -23.30
C GLY B 219 -22.45 -6.37 -22.19
N ILE B 220 -21.73 -7.23 -21.49
CA ILE B 220 -22.32 -8.08 -20.47
C ILE B 220 -22.41 -7.38 -19.12
N THR B 221 -23.64 -7.23 -18.61
CA THR B 221 -23.87 -6.54 -17.35
C THR B 221 -24.67 -7.39 -16.38
N GLY B 222 -24.86 -6.85 -15.18
CA GLY B 222 -25.82 -7.41 -14.24
C GLY B 222 -27.20 -6.87 -14.56
N ALA B 223 -28.16 -7.04 -13.64
CA ALA B 223 -29.51 -6.52 -13.81
C ALA B 223 -29.49 -5.02 -14.01
N GLU B 224 -30.49 -4.52 -14.75
CA GLU B 224 -30.60 -3.09 -15.08
C GLU B 224 -29.26 -2.46 -15.46
N GLY B 225 -28.50 -3.15 -16.30
CA GLY B 225 -27.24 -2.65 -16.79
C GLY B 225 -26.16 -2.48 -15.75
N GLY B 226 -26.28 -3.21 -14.64
CA GLY B 226 -25.30 -3.14 -13.57
C GLY B 226 -23.89 -3.46 -14.04
N VAL B 227 -22.95 -2.55 -13.80
CA VAL B 227 -21.55 -2.79 -14.15
C VAL B 227 -20.98 -3.90 -13.27
N ILE B 228 -20.44 -4.93 -13.92
CA ILE B 228 -19.84 -6.04 -13.19
C ILE B 228 -18.40 -5.67 -12.91
N ASP B 229 -18.14 -5.10 -11.73
CA ASP B 229 -16.81 -4.55 -11.44
C ASP B 229 -15.97 -5.38 -10.48
N HIS B 230 -16.50 -6.48 -9.99
CA HIS B 230 -15.68 -7.42 -9.21
C HIS B 230 -15.60 -8.75 -9.95
N ILE B 231 -14.41 -9.34 -9.99
CA ILE B 231 -14.23 -10.63 -10.64
C ILE B 231 -13.68 -11.61 -9.61
N GLU B 232 -14.30 -12.78 -9.48
CA GLU B 232 -13.74 -13.78 -8.59
C GLU B 232 -13.54 -15.15 -9.22
N LEU B 233 -12.39 -15.74 -8.90
CA LEU B 233 -12.01 -17.07 -9.35
C LEU B 233 -12.07 -18.00 -8.15
N PHE B 234 -12.52 -19.23 -8.35
CA PHE B 234 -12.62 -20.20 -7.26
C PHE B 234 -11.81 -21.46 -7.55
N ALA B 235 -11.27 -22.06 -6.50
CA ALA B 235 -10.52 -23.32 -6.63
C ALA B 235 -10.69 -24.18 -5.39
N ASP B 236 -10.37 -25.47 -5.49
CA ASP B 236 -10.39 -26.35 -4.33
C ASP B 236 -9.33 -25.91 -3.33
N ASP B 237 -9.52 -26.28 -2.07
CA ASP B 237 -8.55 -25.98 -1.02
C ASP B 237 -8.49 -27.17 -0.06
N PRO B 238 -7.28 -27.55 0.38
CA PRO B 238 -7.19 -28.68 1.31
C PRO B 238 -7.74 -28.39 2.70
N GLN B 239 -7.95 -27.12 3.05
CA GLN B 239 -8.36 -26.72 4.41
C GLN B 239 -9.66 -25.95 4.45
N ALA B 240 -10.39 -25.91 3.33
CA ALA B 240 -11.64 -25.18 3.26
C ALA B 240 -12.49 -25.75 2.13
N ASP B 241 -13.69 -25.25 1.94
CA ASP B 241 -14.51 -25.75 0.85
C ASP B 241 -14.00 -25.19 -0.48
N SER B 242 -13.37 -24.02 -0.40
CA SER B 242 -12.92 -23.33 -1.60
C SER B 242 -11.88 -22.28 -1.23
N ARG B 243 -11.06 -21.88 -2.20
CA ARG B 243 -10.17 -20.73 -2.06
C ARG B 243 -10.50 -19.81 -3.22
N ASN B 244 -10.45 -18.50 -3.00
CA ASN B 244 -10.76 -17.58 -4.09
C ASN B 244 -9.71 -16.50 -4.33
N PHE B 245 -9.78 -15.88 -5.49
CA PHE B 245 -9.03 -14.67 -5.78
C PHE B 245 -10.07 -13.68 -6.28
N VAL B 246 -10.04 -12.47 -5.72
CA VAL B 246 -11.08 -11.49 -6.03
C VAL B 246 -10.44 -10.20 -6.50
N LEU B 247 -10.72 -9.81 -7.74
CA LEU B 247 -10.28 -8.53 -8.26
C LEU B 247 -11.33 -7.46 -7.98
N CYS B 248 -10.94 -6.42 -7.25
CA CYS B 248 -11.86 -5.36 -6.86
C CYS B 248 -11.91 -4.32 -8.00
N PRO B 249 -12.89 -3.41 -7.95
CA PRO B 249 -13.09 -2.43 -9.04
C PRO B 249 -11.83 -1.66 -9.43
N GLY B 250 -10.99 -1.35 -8.45
CA GLY B 250 -9.80 -0.56 -8.72
C GLY B 250 -8.56 -1.40 -9.03
N LYS B 251 -8.78 -2.67 -9.36
CA LYS B 251 -7.71 -3.60 -9.73
C LYS B 251 -6.75 -4.05 -8.60
N ALA B 252 -7.05 -3.66 -7.37
CA ALA B 252 -6.41 -4.28 -6.21
C ALA B 252 -7.16 -5.56 -5.88
N TYR B 253 -6.48 -6.55 -5.31
CA TYR B 253 -7.19 -7.75 -4.89
C TYR B 253 -7.61 -7.67 -3.43
N ASP B 254 -8.65 -8.44 -3.11
CA ASP B 254 -9.14 -8.53 -1.74
C ASP B 254 -8.27 -9.53 -1.03
N ARG B 255 -7.69 -9.13 0.09
CA ARG B 255 -6.90 -10.06 0.90
C ARG B 255 -7.80 -11.02 1.68
N SER B 256 -9.07 -10.63 1.87
CA SER B 256 -10.05 -11.45 2.58
C SER B 256 -10.81 -12.35 1.60
N PRO B 257 -11.66 -13.26 2.12
CA PRO B 257 -12.48 -14.08 1.24
C PRO B 257 -13.59 -13.28 0.53
N CYS B 258 -13.74 -12.01 0.91
CA CYS B 258 -14.71 -11.06 0.30
C CYS B 258 -16.13 -11.39 0.71
N GLY B 259 -16.67 -10.57 1.62
CA GLY B 259 -17.96 -10.83 2.19
C GLY B 259 -19.06 -10.84 1.14
N THR B 260 -19.10 -9.80 0.31
CA THR B 260 -20.12 -9.74 -0.73
C THR B 260 -19.85 -10.77 -1.83
N GLY B 261 -18.57 -11.04 -2.08
CA GLY B 261 -18.20 -12.03 -3.08
C GLY B 261 -18.60 -13.43 -2.67
N THR B 262 -18.41 -13.73 -1.39
CA THR B 262 -18.80 -15.02 -0.86
C THR B 262 -20.33 -15.11 -0.81
N SER B 263 -20.99 -13.98 -0.60
CA SER B 263 -22.46 -13.95 -0.60
C SER B 263 -22.98 -14.34 -1.97
N ALA B 264 -22.35 -13.81 -3.00
CA ALA B 264 -22.72 -14.10 -4.38
C ALA B 264 -22.51 -15.59 -4.64
N LYS B 265 -21.42 -16.13 -4.09
CA LYS B 265 -21.08 -17.54 -4.24
C LYS B 265 -22.15 -18.44 -3.63
N LEU B 266 -22.65 -18.07 -2.44
CA LEU B 266 -23.73 -18.84 -1.80
C LEU B 266 -24.96 -18.89 -2.69
N ALA B 267 -25.28 -17.79 -3.36
CA ALA B 267 -26.46 -17.78 -4.21
C ALA B 267 -26.28 -18.74 -5.38
N CYS B 268 -25.06 -18.80 -5.92
CA CYS B 268 -24.76 -19.67 -7.04
C CYS B 268 -24.80 -21.15 -6.64
N LEU B 269 -24.12 -21.50 -5.54
CA LEU B 269 -24.18 -22.85 -4.98
C LEU B 269 -25.61 -23.31 -4.74
N ALA B 270 -26.42 -22.44 -4.14
CA ALA B 270 -27.81 -22.78 -3.83
C ALA B 270 -28.60 -23.08 -5.09
N ALA B 271 -28.50 -22.19 -6.07
CA ALA B 271 -29.23 -22.35 -7.32
C ALA B 271 -28.82 -23.60 -8.08
N ASP B 272 -27.56 -23.99 -7.94
CA ASP B 272 -27.05 -25.21 -8.55
C ASP B 272 -27.37 -26.50 -7.75
N GLY B 273 -28.04 -26.35 -6.60
CA GLY B 273 -28.39 -27.49 -5.76
C GLY B 273 -27.24 -28.03 -4.94
N LYS B 274 -26.27 -27.17 -4.63
CA LYS B 274 -25.04 -27.63 -3.99
C LYS B 274 -24.86 -27.18 -2.54
N LEU B 275 -25.76 -26.33 -2.07
CA LEU B 275 -25.75 -25.90 -0.66
C LEU B 275 -27.17 -25.56 -0.24
N ALA B 276 -27.60 -26.14 0.88
CA ALA B 276 -28.94 -25.94 1.40
C ALA B 276 -28.94 -24.88 2.50
N PRO B 277 -30.12 -24.33 2.83
CA PRO B 277 -30.16 -23.34 3.91
C PRO B 277 -29.58 -23.87 5.22
N GLY B 278 -28.80 -23.02 5.89
CA GLY B 278 -28.23 -23.36 7.18
C GLY B 278 -26.91 -24.10 7.13
N GLN B 279 -26.55 -24.64 5.97
CA GLN B 279 -25.31 -25.42 5.86
C GLN B 279 -24.10 -24.52 5.74
N ALA B 280 -23.07 -24.80 6.54
CA ALA B 280 -21.87 -23.98 6.56
C ALA B 280 -21.01 -24.17 5.31
N TRP B 281 -20.39 -23.08 4.88
CA TRP B 281 -19.49 -23.07 3.74
C TRP B 281 -18.24 -22.28 4.14
N ARG B 282 -17.08 -22.94 4.10
CA ARG B 282 -15.82 -22.31 4.49
C ARG B 282 -15.07 -21.80 3.29
N GLN B 283 -14.93 -20.47 3.17
CA GLN B 283 -14.25 -19.86 2.04
C GLN B 283 -12.92 -19.29 2.48
N ALA B 284 -11.83 -19.80 1.89
CA ALA B 284 -10.49 -19.27 2.12
C ALA B 284 -10.16 -18.20 1.09
N SER B 285 -9.31 -17.24 1.48
CA SER B 285 -8.88 -16.17 0.60
C SER B 285 -7.55 -16.53 -0.04
N VAL B 286 -7.09 -15.65 -0.93
CA VAL B 286 -5.84 -15.90 -1.65
C VAL B 286 -4.65 -15.95 -0.70
N ILE B 287 -4.77 -15.30 0.45
CA ILE B 287 -3.69 -15.33 1.45
C ILE B 287 -3.97 -16.26 2.64
N GLY B 288 -5.03 -17.06 2.55
CA GLY B 288 -5.27 -18.08 3.56
C GLY B 288 -6.21 -17.73 4.69
N SER B 289 -6.67 -16.49 4.74
CA SER B 289 -7.67 -16.11 5.73
C SER B 289 -9.00 -16.75 5.37
N GLN B 290 -9.90 -16.85 6.34
CA GLN B 290 -11.15 -17.60 6.12
C GLN B 290 -12.39 -16.92 6.67
N PHE B 291 -13.48 -17.08 5.93
CA PHE B 291 -14.82 -16.76 6.41
C PHE B 291 -15.62 -18.05 6.45
N SER B 292 -16.55 -18.16 7.40
N SER B 292 -16.56 -18.13 7.40
CA SER B 292 -17.55 -19.23 7.33
CA SER B 292 -17.57 -19.17 7.41
C SER B 292 -18.87 -18.56 7.03
C SER B 292 -18.89 -18.52 7.02
N ALA B 293 -19.68 -19.22 6.20
CA ALA B 293 -20.89 -18.60 5.68
C ALA B 293 -21.99 -19.63 5.53
N HIS B 294 -23.23 -19.17 5.71
CA HIS B 294 -24.39 -19.98 5.37
C HIS B 294 -25.49 -19.02 4.94
N TYR B 295 -26.59 -19.55 4.46
CA TYR B 295 -27.70 -18.69 4.08
C TYR B 295 -29.01 -19.15 4.67
N GLU B 296 -29.92 -18.21 4.84
CA GLU B 296 -31.28 -18.54 5.23
C GLU B 296 -32.21 -18.16 4.09
N LYS B 297 -33.34 -18.85 4.00
CA LYS B 297 -34.29 -18.57 2.94
C LYS B 297 -35.49 -17.86 3.51
N VAL B 298 -35.72 -16.64 3.03
CA VAL B 298 -36.90 -15.88 3.41
C VAL B 298 -37.67 -15.51 2.15
N GLY B 299 -38.80 -16.17 1.97
CA GLY B 299 -39.60 -15.95 0.78
C GLY B 299 -38.87 -16.47 -0.43
N GLU B 300 -38.86 -15.68 -1.50
CA GLU B 300 -38.12 -16.07 -2.68
C GLU B 300 -36.65 -15.71 -2.48
N GLN B 301 -36.36 -14.99 -1.40
CA GLN B 301 -35.03 -14.41 -1.21
C GLN B 301 -34.03 -15.24 -0.40
N LEU B 302 -32.78 -15.16 -0.83
CA LEU B 302 -31.69 -15.86 -0.16
C LEU B 302 -30.91 -14.84 0.66
N ILE B 303 -30.74 -15.12 1.94
CA ILE B 303 -30.07 -14.18 2.84
C ILE B 303 -28.72 -14.74 3.26
N PRO B 304 -27.63 -14.18 2.75
CA PRO B 304 -26.31 -14.73 3.09
C PRO B 304 -25.81 -14.18 4.43
N ILE B 305 -25.26 -15.06 5.26
CA ILE B 305 -24.73 -14.66 6.56
C ILE B 305 -23.23 -15.04 6.62
N LEU B 306 -22.37 -14.05 6.83
CA LEU B 306 -20.92 -14.26 6.81
C LEU B 306 -20.31 -14.01 8.19
N ARG B 307 -19.40 -14.90 8.60
CA ARG B 307 -18.70 -14.73 9.88
C ARG B 307 -17.18 -14.66 9.71
N GLY B 308 -16.57 -13.67 10.35
CA GLY B 308 -15.12 -13.54 10.32
C GLY B 308 -14.66 -12.63 11.44
N SER B 309 -13.35 -12.40 11.51
CA SER B 309 -12.80 -11.55 12.55
C SER B 309 -11.92 -10.47 11.98
N ALA B 310 -12.01 -9.29 12.58
CA ALA B 310 -11.10 -8.20 12.27
C ALA B 310 -10.22 -7.94 13.49
N HIS B 311 -9.09 -7.30 13.25
CA HIS B 311 -8.21 -6.87 14.32
C HIS B 311 -7.85 -5.42 14.06
N ILE B 312 -7.71 -4.65 15.14
CA ILE B 312 -7.36 -3.23 15.00
C ILE B 312 -5.91 -3.13 14.56
N SER B 313 -5.68 -2.29 13.57
CA SER B 313 -4.34 -2.03 13.03
C SER B 313 -3.71 -0.79 13.64
N ALA B 314 -4.47 0.30 13.70
CA ALA B 314 -3.92 1.57 14.17
C ALA B 314 -5.01 2.57 14.51
N GLU B 315 -4.70 3.46 15.45
CA GLU B 315 -5.47 4.68 15.65
C GLU B 315 -4.68 5.79 14.98
N ALA B 316 -5.30 6.53 14.07
CA ALA B 316 -4.53 7.52 13.33
C ALA B 316 -5.32 8.78 13.07
N THR B 317 -4.60 9.90 13.01
CA THR B 317 -5.18 11.15 12.55
C THR B 317 -4.46 11.54 11.28
N LEU B 318 -5.16 11.47 10.14
CA LEU B 318 -4.55 11.92 8.89
C LEU B 318 -4.49 13.44 8.88
N LEU B 319 -3.38 13.99 8.39
CA LEU B 319 -3.20 15.44 8.36
C LEU B 319 -3.06 15.94 6.92
N LEU B 320 -3.93 16.88 6.55
CA LEU B 320 -4.00 17.37 5.17
C LEU B 320 -3.37 18.76 5.05
N ASP B 321 -2.12 18.79 4.62
CA ASP B 321 -1.32 20.01 4.50
C ASP B 321 -1.65 20.69 3.18
N ASP B 322 -2.14 21.93 3.24
CA ASP B 322 -2.49 22.66 2.02
C ASP B 322 -1.30 22.92 1.09
N SER B 323 -0.09 22.89 1.62
CA SER B 323 1.10 23.08 0.81
C SER B 323 1.60 21.80 0.14
N ASP B 324 0.96 20.67 0.46
CA ASP B 324 1.35 19.38 -0.10
C ASP B 324 0.73 19.26 -1.49
N PRO B 325 1.56 19.08 -2.53
CA PRO B 325 1.02 18.91 -3.88
C PRO B 325 0.15 17.66 -4.02
N PHE B 326 0.32 16.69 -3.12
CA PHE B 326 -0.52 15.50 -3.15
C PHE B 326 -1.50 15.46 -1.98
N VAL B 327 -1.88 16.63 -1.48
CA VAL B 327 -2.86 16.69 -0.39
C VAL B 327 -4.15 15.91 -0.72
N TRP B 328 -4.56 15.92 -1.98
CA TRP B 328 -5.75 15.19 -2.40
C TRP B 328 -5.39 13.90 -3.14
N GLY B 329 -4.20 13.37 -2.84
CA GLY B 329 -3.81 12.10 -3.40
C GLY B 329 -3.07 12.13 -4.72
N ILE B 330 -2.26 11.12 -4.94
CA ILE B 330 -1.47 10.96 -6.14
C ILE B 330 -2.27 10.37 -7.28
N GLY B 331 -2.01 10.86 -8.48
CA GLY B 331 -2.34 10.08 -9.66
C GLY B 331 -3.69 10.37 -10.23
N SER B 332 -4.04 9.55 -11.20
CA SER B 332 -5.11 9.85 -12.14
C SER B 332 -6.51 9.74 -11.56
C1 GOL C . -3.41 1.53 4.83
O1 GOL C . -2.33 1.51 3.93
C2 GOL C . -3.30 0.36 5.79
O2 GOL C . -1.95 0.18 6.19
C3 GOL C . -4.17 0.65 7.00
O3 GOL C . -3.79 -0.18 8.07
O7 PYC D . 15.73 8.41 -0.97
O8 PYC D . 17.68 7.50 -0.61
C1 PYC D . 16.43 7.37 -0.83
C2 PYC D . 15.78 6.05 -0.93
C3 PYC D . 16.37 4.77 -0.93
C4 PYC D . 15.32 3.87 -1.02
C5 PYC D . 14.16 4.57 -1.08
N6 PYC D . 14.44 5.88 -1.01
NA NA E . 15.19 18.79 -19.51
C1 GOL F . 8.64 18.68 -5.00
O1 GOL F . 8.45 17.69 -5.99
C2 GOL F . 8.52 18.06 -3.62
O2 GOL F . 7.18 17.68 -3.39
C3 GOL F . 9.43 16.84 -3.49
O3 GOL F . 10.74 17.26 -3.15
C1 GOL G . -9.53 -16.10 9.83
O1 GOL G . -8.87 -16.32 8.62
C2 GOL G . -9.65 -14.61 10.13
O2 GOL G . -8.37 -14.07 10.32
C3 GOL G . -10.38 -13.87 9.00
O3 GOL G . -11.78 -14.07 9.11
O7 PYC H . -15.84 -7.91 1.73
O8 PYC H . -17.66 -7.41 0.60
C1 PYC H . -16.40 -7.32 0.76
C2 PYC H . -15.53 -6.57 -0.17
C3 PYC H . -15.88 -5.97 -1.39
C4 PYC H . -14.73 -5.36 -1.88
C5 PYC H . -13.73 -5.60 -0.99
N6 PYC H . -14.20 -6.32 0.04
NA NA I . -11.53 -28.74 0.53
#